data_8Y2B
#
_entry.id   8Y2B
#
_cell.length_a   47.116
_cell.length_b   86.041
_cell.length_c   57.917
_cell.angle_alpha   90.00
_cell.angle_beta   98.94
_cell.angle_gamma   90.00
#
_symmetry.space_group_name_H-M   'P 1 21 1'
#
loop_
_entity.id
_entity.type
_entity.pdbx_description
1 polymer Streptavidin
2 non-polymer 'methyl 3-(4-oxo-4,5-dihydrofuro[3,2-c]pyridin-2-yl)benzoate'
3 non-polymer GLYCEROL
4 water water
#
_entity_poly.entity_id   1
_entity_poly.type   'polypeptide(L)'
_entity_poly.pdbx_seq_one_letter_code
;AGITGTWYNQLGSTFIVTAGADGALTGTYESAVGNAESRYVLTGRYDSAPATDGSGTALGWTVAWKNNYRNAHSATTWSG
QYVGGAEARINTQWLLTSGTTEANAWKSTLVGHDTFTKVKP
;
_entity_poly.pdbx_strand_id   A,B,C,D
#
loop_
_chem_comp.id
_chem_comp.type
_chem_comp.name
_chem_comp.formula
GOL non-polymer GLYCEROL 'C3 H8 O3'
MT6 non-polymer 'methyl 3-(4-oxo-4,5-dihydrofuro[3,2-c]pyridin-2-yl)benzoate' 'C15 H11 N O4'
#
# COMPACT_ATOMS: atom_id res chain seq x y z
N ALA A 1 -10.79 -16.06 24.77
CA ALA A 1 -10.21 -16.17 23.44
C ALA A 1 -11.13 -15.55 22.39
N GLY A 2 -10.54 -14.81 21.47
CA GLY A 2 -11.28 -14.13 20.42
C GLY A 2 -10.73 -12.74 20.22
N ILE A 3 -11.41 -11.97 19.37
CA ILE A 3 -10.94 -10.63 19.03
C ILE A 3 -11.10 -9.67 20.19
N THR A 4 -12.21 -9.77 20.93
CA THR A 4 -12.44 -8.85 22.05
C THR A 4 -11.30 -8.94 23.07
N GLY A 5 -10.79 -7.78 23.46
CA GLY A 5 -9.73 -7.73 24.44
C GLY A 5 -8.85 -6.52 24.25
N THR A 6 -7.74 -6.50 24.99
CA THR A 6 -6.75 -5.44 24.92
C THR A 6 -5.51 -5.97 24.20
N TRP A 7 -5.10 -5.27 23.14
CA TRP A 7 -3.99 -5.68 22.28
C TRP A 7 -2.91 -4.61 22.26
N TYR A 8 -1.69 -5.03 21.92
CA TYR A 8 -0.55 -4.12 21.82
C TYR A 8 0.20 -4.41 20.52
N ASN A 9 0.61 -3.36 19.81
CA ASN A 9 1.40 -3.57 18.61
C ASN A 9 2.88 -3.59 18.95
N GLN A 10 3.70 -3.79 17.93
CA GLN A 10 5.15 -3.93 18.11
C GLN A 10 5.80 -2.66 18.64
N LEU A 11 5.15 -1.51 18.53
CA LEU A 11 5.69 -0.26 19.04
C LEU A 11 5.10 0.14 20.39
N GLY A 12 4.17 -0.65 20.92
CA GLY A 12 3.59 -0.35 22.21
C GLY A 12 2.31 0.44 22.19
N SER A 13 1.70 0.65 21.01
CA SER A 13 0.37 1.22 20.98
C SER A 13 -0.63 0.24 21.60
N THR A 14 -1.73 0.78 22.13
CA THR A 14 -2.72 -0.01 22.86
C THR A 14 -4.06 0.05 22.14
N PHE A 15 -4.59 -1.13 21.81
CA PHE A 15 -5.79 -1.30 20.99
C PHE A 15 -6.81 -2.06 21.85
N ILE A 16 -7.84 -1.36 22.33
CA ILE A 16 -8.85 -1.95 23.20
C ILE A 16 -10.13 -2.10 22.39
N VAL A 17 -10.53 -3.34 22.11
CA VAL A 17 -11.57 -3.57 21.12
C VAL A 17 -12.62 -4.55 21.65
N THR A 18 -13.86 -4.34 21.23
CA THR A 18 -14.97 -5.27 21.46
C THR A 18 -15.52 -5.69 20.11
N ALA A 19 -15.64 -7.00 19.90
CA ALA A 19 -16.19 -7.58 18.68
C ALA A 19 -17.63 -7.97 18.98
N GLY A 20 -18.59 -7.24 18.41
CA GLY A 20 -19.98 -7.50 18.67
C GLY A 20 -20.55 -8.61 17.80
N ALA A 21 -21.68 -9.18 18.25
CA ALA A 21 -22.30 -10.29 17.54
C ALA A 21 -22.69 -9.92 16.11
N ASP A 22 -22.92 -8.63 15.84
CA ASP A 22 -23.38 -8.16 14.55
C ASP A 22 -22.24 -7.86 13.57
N GLY A 23 -21.00 -8.15 13.93
CA GLY A 23 -19.85 -7.83 13.08
C GLY A 23 -19.18 -6.50 13.40
N ALA A 24 -19.60 -5.81 14.45
CA ALA A 24 -19.12 -4.47 14.74
C ALA A 24 -17.84 -4.56 15.56
N LEU A 25 -16.88 -3.68 15.26
CA LEU A 25 -15.73 -3.45 16.14
C LEU A 25 -15.87 -2.06 16.75
N THR A 26 -15.72 -1.96 18.07
CA THR A 26 -15.76 -0.68 18.77
C THR A 26 -14.65 -0.67 19.81
N GLY A 27 -14.21 0.53 20.19
CA GLY A 27 -13.25 0.64 21.29
C GLY A 27 -12.40 1.88 21.16
N THR A 28 -11.17 1.80 21.69
CA THR A 28 -10.25 2.94 21.73
C THR A 28 -8.85 2.54 21.30
N TYR A 29 -8.11 3.52 20.77
CA TYR A 29 -6.74 3.33 20.34
C TYR A 29 -5.86 4.39 20.97
N GLU A 30 -4.70 3.98 21.47
CA GLU A 30 -3.72 4.91 22.02
C GLU A 30 -2.40 4.66 21.31
N SER A 31 -1.86 5.68 20.65
CA SER A 31 -0.72 5.52 19.77
C SER A 31 0.59 5.83 20.48
N ALA A 32 1.59 4.98 20.25
CA ALA A 32 2.92 5.24 20.77
C ALA A 32 3.73 6.18 19.87
N VAL A 33 3.21 6.55 18.70
CA VAL A 33 3.95 7.38 17.75
C VAL A 33 3.07 8.50 17.21
N GLY A 34 3.72 9.54 16.68
CA GLY A 34 3.03 10.57 15.94
C GLY A 34 2.39 11.64 16.80
N ASN A 35 1.59 12.48 16.14
CA ASN A 35 0.93 13.62 16.78
C ASN A 35 -0.33 13.11 17.46
N ALA A 36 -0.14 12.49 18.62
CA ALA A 36 -1.21 11.78 19.30
C ALA A 36 -1.00 11.85 20.81
N GLU A 37 -2.10 11.93 21.54
CA GLU A 37 -2.09 11.94 22.99
C GLU A 37 -3.37 11.27 23.48
N SER A 38 -3.24 10.37 24.46
CA SER A 38 -4.38 9.71 25.08
C SER A 38 -5.18 8.84 24.10
N ARG A 39 -6.44 8.52 24.42
CA ARG A 39 -7.21 7.56 23.66
C ARG A 39 -8.05 8.23 22.57
N TYR A 40 -8.24 7.51 21.46
CA TYR A 40 -9.05 7.95 20.33
C TYR A 40 -10.10 6.89 20.02
N VAL A 41 -11.27 7.33 19.56
CA VAL A 41 -12.33 6.41 19.18
C VAL A 41 -11.92 5.61 17.94
N LEU A 42 -12.25 4.32 17.94
CA LEU A 42 -12.14 3.51 16.74
C LEU A 42 -13.47 2.81 16.45
N THR A 43 -13.76 2.61 15.17
CA THR A 43 -14.86 1.74 14.75
C THR A 43 -14.41 0.93 13.54
N GLY A 44 -14.98 -0.26 13.40
CA GLY A 44 -14.65 -1.10 12.27
C GLY A 44 -15.62 -2.27 12.16
N ARG A 45 -15.20 -3.27 11.37
CA ARG A 45 -16.01 -4.44 11.06
C ARG A 45 -15.12 -5.67 11.06
N TYR A 46 -15.72 -6.83 11.34
CA TYR A 46 -15.03 -8.11 11.23
C TYR A 46 -15.99 -9.18 10.73
N ASP A 47 -15.43 -10.27 10.21
CA ASP A 47 -16.20 -11.41 9.73
C ASP A 47 -16.68 -12.20 10.94
N SER A 48 -17.98 -12.14 11.22
CA SER A 48 -18.54 -12.81 12.39
C SER A 48 -18.80 -14.30 12.16
N ALA A 49 -18.53 -14.82 10.97
CA ALA A 49 -18.69 -16.25 10.68
C ALA A 49 -17.55 -16.71 9.79
N PRO A 50 -16.34 -16.76 10.32
CA PRO A 50 -15.17 -17.09 9.49
C PRO A 50 -15.23 -18.51 8.96
N ALA A 51 -14.39 -18.76 7.95
CA ALA A 51 -14.30 -20.10 7.39
C ALA A 51 -13.77 -21.08 8.44
N THR A 52 -14.06 -22.36 8.22
CA THR A 52 -13.71 -23.42 9.16
C THR A 52 -12.57 -24.30 8.64
N ASP A 53 -11.71 -23.74 7.79
CA ASP A 53 -10.63 -24.48 7.13
C ASP A 53 -9.27 -24.11 7.68
N GLY A 54 -9.20 -23.44 8.82
CA GLY A 54 -7.95 -22.99 9.37
C GLY A 54 -7.56 -21.57 9.00
N SER A 55 -8.37 -20.87 8.21
CA SER A 55 -8.07 -19.49 7.84
C SER A 55 -8.31 -18.55 9.02
N GLY A 56 -7.62 -17.42 8.99
CA GLY A 56 -7.85 -16.35 9.94
C GLY A 56 -9.16 -15.62 9.68
N THR A 57 -9.45 -14.66 10.56
CA THR A 57 -10.70 -13.90 10.55
C THR A 57 -10.42 -12.48 10.05
N ALA A 58 -10.99 -12.12 8.91
CA ALA A 58 -10.73 -10.82 8.32
C ALA A 58 -11.40 -9.71 9.13
N LEU A 59 -10.74 -8.54 9.15
CA LEU A 59 -11.24 -7.40 9.93
C LEU A 59 -10.56 -6.11 9.47
N GLY A 60 -11.14 -4.99 9.90
CA GLY A 60 -10.54 -3.69 9.67
C GLY A 60 -11.14 -2.66 10.60
N TRP A 61 -10.39 -1.59 10.83
CA TRP A 61 -10.91 -0.51 11.67
C TRP A 61 -10.24 0.81 11.32
N THR A 62 -10.85 1.91 11.77
CA THR A 62 -10.39 3.27 11.47
C THR A 62 -10.28 4.08 12.76
N VAL A 63 -9.24 4.90 12.84
CA VAL A 63 -9.11 5.95 13.86
C VAL A 63 -8.93 7.27 13.12
N ALA A 64 -9.79 8.23 13.40
CA ALA A 64 -9.52 9.62 13.02
C ALA A 64 -8.81 10.30 14.20
N TRP A 65 -7.67 10.93 13.93
CA TRP A 65 -6.76 11.37 14.98
C TRP A 65 -7.17 12.72 15.59
N LYS A 66 -8.44 12.79 16.00
CA LYS A 66 -9.00 13.93 16.70
C LYS A 66 -9.62 13.43 18.00
N ASN A 67 -9.26 14.05 19.11
CA ASN A 67 -9.92 13.80 20.39
C ASN A 67 -10.03 15.15 21.12
N ASN A 68 -10.30 15.11 22.42
CA ASN A 68 -10.44 16.36 23.17
C ASN A 68 -9.11 17.09 23.37
N TYR A 69 -7.99 16.43 23.13
CA TYR A 69 -6.67 17.00 23.40
C TYR A 69 -5.98 17.53 22.16
N ARG A 70 -6.06 16.80 21.04
CA ARG A 70 -5.30 17.14 19.84
C ARG A 70 -6.11 16.78 18.62
N ASN A 71 -5.74 17.38 17.48
CA ASN A 71 -6.30 17.00 16.19
C ASN A 71 -5.19 17.07 15.16
N ALA A 72 -4.77 15.90 14.66
CA ALA A 72 -3.71 15.82 13.67
C ALA A 72 -4.21 15.94 12.23
N HIS A 73 -5.52 16.07 12.03
CA HIS A 73 -6.11 16.17 10.68
C HIS A 73 -5.66 15.01 9.79
N SER A 74 -5.90 13.79 10.28
CA SER A 74 -5.45 12.58 9.61
C SER A 74 -6.26 11.41 10.13
N ALA A 75 -6.17 10.28 9.42
CA ALA A 75 -6.88 9.07 9.83
C ALA A 75 -6.10 7.85 9.36
N THR A 76 -6.04 6.83 10.22
CA THR A 76 -5.43 5.55 9.87
C THR A 76 -6.49 4.48 9.74
N THR A 77 -6.37 3.62 8.72
CA THR A 77 -7.15 2.40 8.62
C THR A 77 -6.21 1.21 8.70
N TRP A 78 -6.56 0.22 9.51
CA TRP A 78 -5.83 -1.05 9.58
C TRP A 78 -6.70 -2.12 8.94
N SER A 79 -6.09 -2.91 8.06
CA SER A 79 -6.77 -4.01 7.38
C SER A 79 -5.96 -5.29 7.65
N GLY A 80 -6.62 -6.34 8.11
CA GLY A 80 -5.85 -7.51 8.50
C GLY A 80 -6.69 -8.72 8.85
N GLN A 81 -6.09 -9.63 9.60
CA GLN A 81 -6.81 -10.82 10.03
C GLN A 81 -6.34 -11.25 11.42
N TYR A 82 -7.30 -11.76 12.18
CA TYR A 82 -7.03 -12.35 13.49
C TYR A 82 -6.66 -13.81 13.29
N VAL A 83 -5.56 -14.22 13.90
CA VAL A 83 -5.08 -15.60 13.83
C VAL A 83 -5.14 -16.16 15.24
N GLY A 84 -6.00 -17.16 15.46
CA GLY A 84 -6.03 -17.81 16.74
C GLY A 84 -4.88 -18.76 16.92
N GLY A 85 -4.68 -19.18 18.16
CA GLY A 85 -3.65 -20.16 18.45
C GLY A 85 -3.09 -19.96 19.84
N ALA A 86 -1.95 -20.61 20.07
CA ALA A 86 -1.27 -20.50 21.35
C ALA A 86 -1.01 -19.03 21.71
N GLU A 87 -0.43 -18.28 20.79
CA GLU A 87 -0.21 -16.84 20.95
C GLU A 87 -1.08 -16.14 19.91
N ALA A 88 -2.26 -15.70 20.34
CA ALA A 88 -3.18 -15.01 19.45
C ALA A 88 -2.53 -13.76 18.88
N ARG A 89 -2.85 -13.46 17.62
CA ARG A 89 -2.20 -12.37 16.90
C ARG A 89 -3.18 -11.77 15.91
N ILE A 90 -3.10 -10.45 15.73
CA ILE A 90 -3.78 -9.76 14.62
C ILE A 90 -2.70 -9.15 13.75
N ASN A 91 -2.62 -9.59 12.50
CA ASN A 91 -1.63 -9.10 11.55
C ASN A 91 -2.30 -8.11 10.59
N THR A 92 -1.78 -6.90 10.52
CA THR A 92 -2.41 -5.85 9.73
C THR A 92 -1.42 -5.15 8.81
N GLN A 93 -1.99 -4.53 7.79
CA GLN A 93 -1.32 -3.46 7.06
C GLN A 93 -2.20 -2.23 7.18
N TRP A 94 -1.59 -1.05 7.13
CA TRP A 94 -2.33 0.18 7.43
C TRP A 94 -2.00 1.28 6.43
N LEU A 95 -2.95 2.21 6.30
CA LEU A 95 -2.83 3.41 5.48
C LEU A 95 -3.19 4.60 6.37
N LEU A 96 -2.34 5.61 6.39
CA LEU A 96 -2.53 6.81 7.20
C LEU A 96 -2.59 8.00 6.24
N THR A 97 -3.79 8.55 6.04
CA THR A 97 -3.97 9.68 5.12
C THR A 97 -4.18 10.96 5.92
N SER A 98 -3.41 12.00 5.57
CA SER A 98 -3.57 13.31 6.15
C SER A 98 -4.39 14.18 5.22
N GLY A 99 -5.16 15.10 5.80
CA GLY A 99 -5.80 16.14 4.99
C GLY A 99 -4.74 17.07 4.42
N THR A 100 -4.76 17.26 3.10
CA THR A 100 -3.76 18.07 2.42
C THR A 100 -4.44 18.97 1.39
N THR A 101 -3.67 19.93 0.88
CA THR A 101 -4.07 20.62 -0.34
C THR A 101 -3.91 19.68 -1.53
N GLU A 102 -4.49 20.10 -2.65
N GLU A 102 -4.49 20.08 -2.67
CA GLU A 102 -4.37 19.33 -3.89
CA GLU A 102 -4.34 19.26 -3.86
C GLU A 102 -2.92 19.19 -4.31
C GLU A 102 -2.89 19.17 -4.30
N ALA A 103 -2.13 20.27 -4.18
CA ALA A 103 -0.74 20.24 -4.60
C ALA A 103 0.10 19.29 -3.76
N ASN A 104 -0.30 19.03 -2.51
CA ASN A 104 0.41 18.12 -1.63
C ASN A 104 -0.22 16.74 -1.53
N ALA A 105 -1.29 16.48 -2.28
CA ALA A 105 -2.00 15.22 -2.12
C ALA A 105 -1.14 14.01 -2.48
N TRP A 106 -0.14 14.20 -3.35
CA TRP A 106 0.69 13.06 -3.75
C TRP A 106 1.41 12.45 -2.56
N LYS A 107 1.71 13.25 -1.54
CA LYS A 107 2.41 12.77 -0.34
C LYS A 107 1.49 12.70 0.88
N SER A 108 0.20 12.45 0.65
CA SER A 108 -0.78 12.46 1.73
C SER A 108 -0.86 11.15 2.51
N THR A 109 -0.35 10.03 1.99
CA THR A 109 -0.68 8.72 2.55
C THR A 109 0.59 7.93 2.89
N LEU A 110 0.75 7.60 4.18
CA LEU A 110 1.79 6.68 4.62
C LEU A 110 1.25 5.25 4.65
N VAL A 111 2.14 4.27 4.51
CA VAL A 111 1.76 2.86 4.55
C VAL A 111 2.73 2.09 5.45
N GLY A 112 2.19 1.12 6.19
CA GLY A 112 3.03 0.31 7.05
C GLY A 112 2.31 -0.97 7.45
N HIS A 113 2.90 -1.68 8.42
CA HIS A 113 2.33 -2.93 8.90
C HIS A 113 2.50 -3.02 10.40
N ASP A 114 1.43 -3.42 11.09
CA ASP A 114 1.42 -3.59 12.54
C ASP A 114 0.98 -5.00 12.90
N THR A 115 1.65 -5.61 13.87
CA THR A 115 1.20 -6.89 14.39
C THR A 115 0.86 -6.73 15.86
N PHE A 116 -0.30 -7.26 16.26
CA PHE A 116 -0.85 -7.07 17.58
C PHE A 116 -0.89 -8.40 18.32
N THR A 117 -0.54 -8.36 19.60
CA THR A 117 -0.66 -9.51 20.48
C THR A 117 -1.34 -9.07 21.77
N LYS A 118 -1.95 -10.03 22.47
CA LYS A 118 -2.54 -9.71 23.77
C LYS A 118 -1.50 -9.60 24.87
N VAL A 119 -0.27 -9.99 24.58
CA VAL A 119 0.86 -9.80 25.49
C VAL A 119 1.68 -8.63 24.95
N LYS A 120 2.02 -7.70 25.83
CA LYS A 120 2.75 -6.51 25.42
C LYS A 120 4.22 -6.88 25.16
N PRO A 121 4.76 -6.60 23.96
CA PRO A 121 6.16 -6.99 23.69
C PRO A 121 7.16 -6.11 24.45
N GLY B 2 27.91 -2.38 2.66
CA GLY B 2 27.18 -3.31 3.49
C GLY B 2 26.03 -4.03 2.82
N ILE B 3 25.60 -3.53 1.65
CA ILE B 3 24.46 -4.11 0.94
C ILE B 3 24.88 -5.34 0.12
N THR B 4 26.02 -5.29 -0.54
CA THR B 4 26.43 -6.41 -1.39
C THR B 4 26.50 -7.70 -0.60
N GLY B 5 25.89 -8.76 -1.13
CA GLY B 5 25.97 -10.06 -0.52
C GLY B 5 24.65 -10.79 -0.60
N THR B 6 24.53 -11.81 0.23
CA THR B 6 23.36 -12.70 0.25
C THR B 6 22.46 -12.34 1.42
N TRP B 7 21.16 -12.24 1.14
CA TRP B 7 20.15 -11.88 2.14
C TRP B 7 19.04 -12.90 2.13
N TYR B 8 18.39 -13.08 3.29
CA TYR B 8 17.36 -14.09 3.46
C TYR B 8 16.13 -13.44 4.08
N ASN B 9 14.96 -13.69 3.51
CA ASN B 9 13.72 -13.15 4.08
C ASN B 9 13.13 -14.13 5.09
N GLN B 10 11.97 -13.76 5.63
CA GLN B 10 11.31 -14.50 6.69
C GLN B 10 10.65 -15.78 6.20
N LEU B 11 10.50 -15.98 4.89
CA LEU B 11 9.70 -17.08 4.35
C LEU B 11 10.50 -18.02 3.45
N GLY B 12 11.82 -18.00 3.54
CA GLY B 12 12.61 -18.94 2.79
C GLY B 12 13.11 -18.50 1.43
N SER B 13 12.99 -17.21 1.10
CA SER B 13 13.52 -16.70 -0.16
C SER B 13 14.94 -16.18 0.06
N THR B 14 15.74 -16.18 -1.02
CA THR B 14 17.13 -15.73 -0.98
C THR B 14 17.35 -14.69 -2.06
N PHE B 15 18.16 -13.68 -1.79
N PHE B 15 18.03 -13.60 -1.66
CA PHE B 15 18.69 -12.94 -2.93
CA PHE B 15 18.15 -12.35 -2.39
C PHE B 15 20.17 -12.66 -2.77
C PHE B 15 19.64 -12.05 -2.47
N ILE B 16 20.84 -12.56 -3.91
N ILE B 16 20.21 -12.17 -3.67
CA ILE B 16 22.25 -12.25 -3.99
CA ILE B 16 21.64 -12.06 -3.88
C ILE B 16 22.36 -10.98 -4.81
C ILE B 16 21.89 -10.79 -4.68
N VAL B 17 22.74 -9.88 -4.16
CA VAL B 17 22.81 -8.56 -4.78
C VAL B 17 24.24 -8.02 -4.75
N THR B 18 24.59 -7.28 -5.79
CA THR B 18 25.78 -6.44 -5.81
C THR B 18 25.32 -4.99 -5.88
N ALA B 19 25.84 -4.17 -4.96
CA ALA B 19 25.58 -2.74 -4.95
C ALA B 19 26.76 -2.06 -5.62
N GLY B 20 26.52 -1.53 -6.83
CA GLY B 20 27.61 -0.94 -7.60
C GLY B 20 27.91 0.49 -7.21
N ALA B 21 29.09 0.95 -7.58
CA ALA B 21 29.51 2.31 -7.22
C ALA B 21 28.60 3.39 -7.80
N ASP B 22 27.92 3.09 -8.91
CA ASP B 22 27.06 4.06 -9.58
C ASP B 22 25.64 4.06 -9.05
N GLY B 23 25.37 3.33 -7.96
CA GLY B 23 24.03 3.26 -7.41
C GLY B 23 23.20 2.10 -7.91
N ALA B 24 23.76 1.20 -8.72
CA ALA B 24 23.01 0.09 -9.27
C ALA B 24 22.89 -1.07 -8.27
N LEU B 25 21.73 -1.71 -8.25
CA LEU B 25 21.56 -3.03 -7.65
C LEU B 25 21.37 -4.03 -8.77
N THR B 26 22.15 -5.12 -8.75
CA THR B 26 21.99 -6.20 -9.72
C THR B 26 22.14 -7.52 -8.99
N GLY B 27 21.45 -8.55 -9.47
CA GLY B 27 21.63 -9.85 -8.85
C GLY B 27 20.54 -10.83 -9.24
N THR B 28 20.28 -11.78 -8.33
CA THR B 28 19.33 -12.84 -8.58
C THR B 28 18.47 -13.04 -7.33
N TYR B 29 17.21 -13.44 -7.55
CA TYR B 29 16.27 -13.68 -6.48
C TYR B 29 15.77 -15.11 -6.63
N GLU B 30 15.73 -15.84 -5.52
CA GLU B 30 15.28 -17.23 -5.51
C GLU B 30 14.12 -17.33 -4.52
N SER B 31 12.93 -17.62 -5.03
CA SER B 31 11.75 -17.63 -4.17
C SER B 31 11.55 -18.97 -3.46
N ALA B 32 12.37 -19.97 -3.76
CA ALA B 32 12.29 -21.28 -3.14
C ALA B 32 13.64 -21.99 -3.16
N GLU B 37 15.16 -23.34 -11.84
CA GLU B 37 13.79 -23.02 -12.19
C GLU B 37 13.23 -21.94 -11.27
N SER B 38 13.89 -21.76 -10.12
CA SER B 38 13.42 -20.83 -9.11
C SER B 38 14.21 -19.54 -9.04
N ARG B 39 15.18 -19.31 -9.92
CA ARG B 39 16.05 -18.14 -9.84
C ARG B 39 15.68 -17.14 -10.92
N TYR B 40 15.58 -15.86 -10.54
CA TYR B 40 15.11 -14.80 -11.42
C TYR B 40 16.02 -13.57 -11.31
N VAL B 41 16.11 -12.83 -12.41
CA VAL B 41 16.93 -11.62 -12.44
C VAL B 41 16.30 -10.52 -11.60
N LEU B 42 17.12 -9.77 -10.88
CA LEU B 42 16.65 -8.56 -10.21
C LEU B 42 17.53 -7.38 -10.56
N THR B 43 16.90 -6.21 -10.54
N THR B 43 16.90 -6.21 -10.70
CA THR B 43 17.60 -4.97 -10.86
CA THR B 43 17.63 -4.96 -10.86
C THR B 43 16.94 -3.84 -10.08
C THR B 43 16.95 -3.88 -10.02
N GLY B 44 17.76 -2.93 -9.56
CA GLY B 44 17.25 -1.81 -8.80
C GLY B 44 18.28 -0.71 -8.61
N ARG B 45 18.00 0.16 -7.64
CA ARG B 45 18.82 1.33 -7.35
C ARG B 45 18.88 1.55 -5.85
N TYR B 46 19.96 2.18 -5.39
CA TYR B 46 20.11 2.53 -3.98
C TYR B 46 20.82 3.87 -3.88
N ASP B 47 20.64 4.52 -2.72
CA ASP B 47 21.33 5.78 -2.42
C ASP B 47 22.79 5.49 -2.13
N SER B 48 23.69 5.90 -3.05
CA SER B 48 25.12 5.62 -2.89
C SER B 48 25.82 6.59 -1.97
N ALA B 49 25.13 7.60 -1.45
CA ALA B 49 25.70 8.55 -0.50
C ALA B 49 24.69 8.82 0.62
N PRO B 50 24.38 7.80 1.42
CA PRO B 50 23.40 8.00 2.49
C PRO B 50 23.95 8.91 3.59
N ALA B 51 23.04 9.38 4.42
CA ALA B 51 23.43 10.15 5.59
C ALA B 51 24.23 9.27 6.56
N THR B 52 25.04 9.92 7.39
CA THR B 52 25.82 9.23 8.41
C THR B 52 25.38 9.69 9.79
N ASP B 53 24.07 9.69 10.03
CA ASP B 53 23.50 10.16 11.28
C ASP B 53 22.65 9.11 11.96
N GLY B 54 22.78 7.85 11.55
CA GLY B 54 21.95 6.78 12.06
C GLY B 54 20.79 6.41 11.17
N SER B 55 20.55 7.16 10.09
CA SER B 55 19.47 6.84 9.17
C SER B 55 19.84 5.68 8.27
N GLY B 56 18.84 4.94 7.81
CA GLY B 56 19.05 3.87 6.88
C GLY B 56 19.37 4.37 5.48
N THR B 57 19.67 3.42 4.60
CA THR B 57 20.01 3.70 3.20
C THR B 57 18.82 3.28 2.34
N ALA B 58 18.22 4.25 1.63
CA ALA B 58 17.04 3.93 0.81
C ALA B 58 17.42 3.14 -0.42
N LEU B 59 16.53 2.21 -0.81
CA LEU B 59 16.77 1.36 -1.97
C LEU B 59 15.46 0.78 -2.48
N GLY B 60 15.51 0.21 -3.67
CA GLY B 60 14.40 -0.56 -4.20
C GLY B 60 14.87 -1.45 -5.33
N TRP B 61 14.10 -2.51 -5.60
CA TRP B 61 14.45 -3.38 -6.74
C TRP B 61 13.20 -4.06 -7.25
N THR B 62 13.33 -4.65 -8.46
CA THR B 62 12.23 -5.29 -9.16
C THR B 62 12.66 -6.69 -9.61
N VAL B 63 11.75 -7.65 -9.49
CA VAL B 63 11.85 -8.95 -10.15
C VAL B 63 10.62 -9.14 -11.03
N ALA B 64 10.84 -9.42 -12.32
CA ALA B 64 9.75 -9.94 -13.16
C ALA B 64 9.81 -11.46 -13.14
N TRP B 65 8.66 -12.08 -12.89
CA TRP B 65 8.64 -13.52 -12.59
C TRP B 65 8.64 -14.37 -13.85
N LYS B 66 9.60 -14.10 -14.74
CA LYS B 66 9.85 -14.90 -15.93
C LYS B 66 11.31 -15.32 -15.91
N ASN B 67 11.55 -16.59 -16.16
CA ASN B 67 12.90 -17.08 -16.41
C ASN B 67 12.81 -18.10 -17.55
N ASN B 68 13.87 -18.86 -17.78
CA ASN B 68 13.85 -19.80 -18.89
C ASN B 68 12.95 -21.00 -18.66
N TYR B 69 12.37 -21.13 -17.47
CA TYR B 69 11.57 -22.29 -17.11
C TYR B 69 10.10 -21.99 -16.87
N ARG B 70 9.77 -20.80 -16.35
CA ARG B 70 8.41 -20.48 -15.95
C ARG B 70 8.14 -19.00 -16.23
N ASN B 71 6.85 -18.66 -16.25
CA ASN B 71 6.46 -17.25 -16.38
C ASN B 71 5.11 -17.07 -15.71
N ALA B 72 5.10 -16.31 -14.62
CA ALA B 72 3.88 -16.02 -13.87
C ALA B 72 3.15 -14.79 -14.39
N HIS B 73 3.69 -14.11 -15.39
CA HIS B 73 3.11 -12.87 -15.92
C HIS B 73 2.82 -11.88 -14.79
N SER B 74 3.88 -11.55 -14.05
CA SER B 74 3.75 -10.70 -12.88
C SER B 74 5.13 -10.16 -12.52
N ALA B 75 5.15 -9.14 -11.66
CA ALA B 75 6.41 -8.56 -11.21
C ALA B 75 6.23 -7.99 -9.81
N THR B 76 7.27 -8.10 -8.98
CA THR B 76 7.27 -7.55 -7.64
C THR B 76 8.31 -6.45 -7.55
N THR B 77 7.95 -5.35 -6.87
CA THR B 77 8.90 -4.31 -6.49
C THR B 77 8.99 -4.27 -4.99
N TRP B 78 10.21 -4.19 -4.45
CA TRP B 78 10.45 -4.00 -3.04
C TRP B 78 11.01 -2.60 -2.85
N SER B 79 10.49 -1.89 -1.85
CA SER B 79 10.92 -0.54 -1.52
C SER B 79 11.26 -0.53 -0.03
N GLY B 80 12.44 -0.04 0.34
CA GLY B 80 12.79 -0.11 1.73
C GLY B 80 14.08 0.58 2.05
N GLN B 81 14.69 0.17 3.17
CA GLN B 81 15.97 0.74 3.58
C GLN B 81 16.86 -0.31 4.20
N TYR B 82 18.17 -0.18 3.93
CA TYR B 82 19.20 -1.01 4.54
C TYR B 82 19.63 -0.37 5.85
N VAL B 83 19.73 -1.18 6.90
CA VAL B 83 20.15 -0.75 8.23
C VAL B 83 21.33 -1.61 8.61
N GLY B 84 22.50 -1.00 8.81
CA GLY B 84 23.71 -1.74 9.10
C GLY B 84 23.87 -2.04 10.58
N GLY B 85 25.00 -2.66 10.90
CA GLY B 85 25.34 -2.97 12.27
C GLY B 85 25.37 -4.47 12.52
N ALA B 86 25.41 -4.82 13.81
CA ALA B 86 25.59 -6.21 14.23
C ALA B 86 24.41 -7.08 13.82
N GLU B 87 23.20 -6.51 13.77
CA GLU B 87 22.01 -7.22 13.31
C GLU B 87 21.47 -6.49 12.09
N ALA B 88 22.24 -6.50 11.00
CA ALA B 88 21.89 -5.76 9.80
C ALA B 88 20.61 -6.28 9.18
N ARG B 89 19.84 -5.38 8.58
CA ARG B 89 18.55 -5.72 7.99
C ARG B 89 18.32 -4.91 6.72
N ILE B 90 17.55 -5.47 5.80
CA ILE B 90 16.88 -4.69 4.76
C ILE B 90 15.38 -4.82 5.02
N ASN B 91 14.75 -3.72 5.41
CA ASN B 91 13.34 -3.69 5.80
C ASN B 91 12.54 -3.13 4.62
N THR B 92 11.60 -3.92 4.10
CA THR B 92 10.92 -3.56 2.85
C THR B 92 9.41 -3.70 2.95
N GLN B 93 8.75 -3.00 2.06
CA GLN B 93 7.37 -3.28 1.69
C GLN B 93 7.34 -3.53 0.18
N TRP B 94 6.39 -4.33 -0.27
CA TRP B 94 6.42 -4.77 -1.66
C TRP B 94 5.05 -4.68 -2.31
N LEU B 95 5.08 -4.55 -3.64
CA LEU B 95 3.89 -4.57 -4.48
C LEU B 95 4.09 -5.61 -5.58
N LEU B 96 3.11 -6.49 -5.75
CA LEU B 96 3.18 -7.57 -6.73
C LEU B 96 2.02 -7.40 -7.71
N THR B 97 2.31 -6.93 -8.92
CA THR B 97 1.29 -6.69 -9.93
C THR B 97 1.30 -7.81 -10.95
N SER B 98 0.13 -8.38 -11.22
CA SER B 98 -0.04 -9.35 -12.28
C SER B 98 -0.61 -8.68 -13.53
N GLY B 99 -0.21 -9.17 -14.70
CA GLY B 99 -0.88 -8.76 -15.92
C GLY B 99 -2.31 -9.29 -15.93
N THR B 100 -3.29 -8.39 -16.12
CA THR B 100 -4.69 -8.75 -16.12
C THR B 100 -5.41 -8.07 -17.27
N THR B 101 -6.66 -8.48 -17.49
CA THR B 101 -7.55 -7.70 -18.33
C THR B 101 -8.03 -6.47 -17.56
N GLU B 102 -8.60 -5.51 -18.29
CA GLU B 102 -9.11 -4.31 -17.63
C GLU B 102 -10.17 -4.64 -16.59
N ALA B 103 -11.03 -5.62 -16.89
CA ALA B 103 -12.11 -5.96 -15.97
C ALA B 103 -11.58 -6.55 -14.66
N ASN B 104 -10.39 -7.17 -14.68
CA ASN B 104 -9.79 -7.74 -13.49
C ASN B 104 -8.69 -6.88 -12.91
N ALA B 105 -8.48 -5.67 -13.45
CA ALA B 105 -7.35 -4.86 -12.99
C ALA B 105 -7.51 -4.43 -11.54
N TRP B 106 -8.75 -4.35 -11.03
CA TRP B 106 -8.95 -3.93 -9.65
C TRP B 106 -8.27 -4.87 -8.67
N LYS B 107 -8.10 -6.14 -9.05
CA LYS B 107 -7.48 -7.14 -8.19
C LYS B 107 -6.10 -7.56 -8.69
N SER B 108 -5.41 -6.66 -9.40
CA SER B 108 -4.13 -6.97 -10.01
C SER B 108 -2.93 -6.89 -9.05
N THR B 109 -3.06 -6.24 -7.89
CA THR B 109 -1.88 -5.86 -7.10
C THR B 109 -2.00 -6.33 -5.66
N LEU B 110 -1.07 -7.20 -5.25
CA LEU B 110 -0.94 -7.61 -3.85
C LEU B 110 0.10 -6.73 -3.17
N VAL B 111 -0.04 -6.56 -1.85
CA VAL B 111 0.91 -5.78 -1.06
C VAL B 111 1.32 -6.59 0.17
N GLY B 112 2.57 -6.45 0.57
CA GLY B 112 3.06 -7.09 1.78
C GLY B 112 4.37 -6.48 2.22
N HIS B 113 5.07 -7.20 3.09
CA HIS B 113 6.31 -6.70 3.66
C HIS B 113 7.28 -7.86 3.85
N ASP B 114 8.57 -7.60 3.60
N ASP B 114 8.57 -7.60 3.60
CA ASP B 114 9.63 -8.58 3.78
CA ASP B 114 9.63 -8.57 3.78
C ASP B 114 10.74 -7.96 4.60
C ASP B 114 10.74 -7.95 4.62
N THR B 115 11.25 -8.71 5.59
CA THR B 115 12.44 -8.33 6.34
C THR B 115 13.56 -9.28 5.95
N PHE B 116 14.69 -8.74 5.48
CA PHE B 116 15.84 -9.54 5.08
C PHE B 116 16.96 -9.44 6.10
N THR B 117 17.60 -10.57 6.38
CA THR B 117 18.74 -10.67 7.28
C THR B 117 19.91 -11.34 6.56
N LYS B 118 21.11 -11.16 7.12
CA LYS B 118 22.31 -11.78 6.56
C LYS B 118 22.49 -13.24 6.98
N VAL B 119 21.71 -13.71 7.95
CA VAL B 119 21.79 -15.08 8.44
C VAL B 119 20.43 -15.73 8.25
N LYS B 120 20.44 -16.99 7.80
CA LYS B 120 19.20 -17.69 7.53
C LYS B 120 18.29 -17.67 8.76
N PRO B 121 16.97 -17.53 8.57
CA PRO B 121 16.01 -17.51 9.68
C PRO B 121 15.70 -18.90 10.22
N GLY C 2 5.15 -0.26 -28.10
CA GLY C 2 5.27 -1.02 -26.86
C GLY C 2 5.71 -0.16 -25.69
N ILE C 3 6.43 -0.77 -24.75
CA ILE C 3 6.84 -0.05 -23.55
C ILE C 3 7.88 1.02 -23.88
N THR C 4 8.80 0.73 -24.79
CA THR C 4 9.86 1.69 -25.11
C THR C 4 9.27 2.99 -25.62
N GLY C 5 9.70 4.11 -25.04
CA GLY C 5 9.24 5.41 -25.46
C GLY C 5 9.30 6.40 -24.32
N THR C 6 8.72 7.57 -24.56
CA THR C 6 8.64 8.64 -23.57
C THR C 6 7.21 8.76 -23.06
N TRP C 7 7.05 8.69 -21.74
CA TRP C 7 5.75 8.67 -21.07
C TRP C 7 5.67 9.81 -20.07
N TYR C 8 4.44 10.21 -19.73
CA TYR C 8 4.19 11.28 -18.78
C TYR C 8 3.12 10.81 -17.79
N ASN C 9 3.35 11.06 -16.50
CA ASN C 9 2.30 10.74 -15.53
C ASN C 9 1.27 11.88 -15.45
N GLN C 10 0.28 11.69 -14.59
CA GLN C 10 -0.81 12.64 -14.44
C GLN C 10 -0.38 13.96 -13.84
N LEU C 11 0.81 14.03 -13.23
CA LEU C 11 1.34 15.26 -12.66
C LEU C 11 2.41 15.91 -13.52
N GLY C 12 2.76 15.32 -14.66
CA GLY C 12 3.73 15.91 -15.55
C GLY C 12 5.14 15.38 -15.47
N SER C 13 5.39 14.38 -14.62
CA SER C 13 6.72 13.76 -14.62
C SER C 13 6.97 13.07 -15.96
N THR C 14 8.25 12.99 -16.34
CA THR C 14 8.65 12.42 -17.62
C THR C 14 9.45 11.13 -17.41
N PHE C 15 9.02 10.06 -18.06
CA PHE C 15 9.53 8.69 -17.88
C PHE C 15 10.02 8.24 -19.25
N ILE C 16 11.34 8.27 -19.46
CA ILE C 16 11.95 7.89 -20.73
C ILE C 16 12.56 6.51 -20.53
N VAL C 17 12.00 5.50 -21.19
CA VAL C 17 12.34 4.12 -20.89
C VAL C 17 12.63 3.35 -22.16
N THR C 18 13.52 2.37 -22.05
CA THR C 18 13.77 1.38 -23.10
C THR C 18 13.55 -0.01 -22.52
N ALA C 19 12.77 -0.82 -23.22
CA ALA C 19 12.50 -2.20 -22.83
C ALA C 19 13.37 -3.10 -23.69
N GLY C 20 14.37 -3.74 -23.06
CA GLY C 20 15.33 -4.54 -23.78
C GLY C 20 14.85 -5.96 -24.01
N ALA C 21 15.56 -6.66 -24.90
CA ALA C 21 15.18 -8.02 -25.25
C ALA C 21 15.22 -8.96 -24.04
N ASP C 22 16.05 -8.63 -23.05
CA ASP C 22 16.28 -9.54 -21.93
C ASP C 22 15.35 -9.31 -20.75
N GLY C 23 14.31 -8.48 -20.90
CA GLY C 23 13.46 -8.14 -19.78
C GLY C 23 13.89 -6.90 -19.00
N ALA C 24 14.92 -6.21 -19.45
CA ALA C 24 15.45 -5.06 -18.73
C ALA C 24 14.68 -3.79 -19.08
N LEU C 25 14.44 -2.96 -18.07
CA LEU C 25 14.00 -1.57 -18.26
C LEU C 25 15.15 -0.66 -17.85
N THR C 26 15.49 0.29 -18.72
CA THR C 26 16.52 1.28 -18.43
C THR C 26 16.03 2.65 -18.88
N GLY C 27 16.55 3.71 -18.28
CA GLY C 27 16.17 5.03 -18.76
C GLY C 27 16.36 6.11 -17.71
N THR C 28 15.56 7.17 -17.83
CA THR C 28 15.66 8.32 -16.95
C THR C 28 14.27 8.74 -16.50
N TYR C 29 14.21 9.37 -15.33
CA TYR C 29 12.95 9.88 -14.78
C TYR C 29 13.18 11.31 -14.34
N GLU C 30 12.24 12.20 -14.69
CA GLU C 30 12.25 13.58 -14.23
C GLU C 30 10.95 13.82 -13.49
N SER C 31 11.04 14.24 -12.23
CA SER C 31 9.88 14.32 -11.36
C SER C 31 9.29 15.72 -11.38
N ALA C 32 7.96 15.79 -11.36
CA ALA C 32 7.24 17.05 -11.25
C ALA C 32 6.89 17.40 -9.82
N VAL C 33 7.27 16.57 -8.84
CA VAL C 33 6.98 16.80 -7.44
C VAL C 33 8.20 16.43 -6.61
N GLY C 34 8.19 16.84 -5.35
CA GLY C 34 9.17 16.38 -4.38
C GLY C 34 10.51 17.08 -4.47
N ASN C 35 11.42 16.61 -3.62
CA ASN C 35 12.79 17.12 -3.56
C ASN C 35 13.59 16.54 -4.72
N ALA C 36 13.23 16.99 -5.93
CA ALA C 36 13.83 16.47 -7.15
C ALA C 36 14.20 17.62 -8.07
N GLU C 37 15.24 17.40 -8.87
CA GLU C 37 15.65 18.36 -9.88
C GLU C 37 16.42 17.61 -10.96
N SER C 38 16.03 17.84 -12.21
CA SER C 38 16.66 17.22 -13.38
C SER C 38 16.38 15.72 -13.46
N ARG C 39 17.20 15.00 -14.22
CA ARG C 39 16.96 13.59 -14.53
C ARG C 39 17.64 12.69 -13.51
N TYR C 40 17.01 11.55 -13.24
CA TYR C 40 17.55 10.51 -12.37
C TYR C 40 17.56 9.19 -13.12
N VAL C 41 18.54 8.34 -12.78
CA VAL C 41 18.60 7.01 -13.38
C VAL C 41 17.46 6.14 -12.87
N LEU C 42 16.87 5.35 -13.77
CA LEU C 42 15.94 4.30 -13.38
C LEU C 42 16.39 2.96 -13.95
N THR C 43 16.06 1.90 -13.23
CA THR C 43 16.21 0.56 -13.78
C THR C 43 15.09 -0.32 -13.26
N GLY C 44 14.72 -1.32 -14.04
CA GLY C 44 13.65 -2.21 -13.66
C GLY C 44 13.57 -3.41 -14.58
N ARG C 45 12.42 -4.09 -14.52
CA ARG C 45 12.22 -5.35 -15.25
C ARG C 45 10.79 -5.38 -15.76
N TYR C 46 10.57 -6.13 -16.85
CA TYR C 46 9.24 -6.34 -17.38
C TYR C 46 9.12 -7.76 -17.92
N ASP C 47 7.88 -8.24 -18.04
CA ASP C 47 7.60 -9.55 -18.62
C ASP C 47 7.77 -9.45 -20.13
N SER C 48 8.82 -10.07 -20.66
CA SER C 48 9.13 -9.99 -22.09
C SER C 48 8.36 -11.00 -22.93
N ALA C 49 7.50 -11.81 -22.33
CA ALA C 49 6.65 -12.76 -23.08
C ALA C 49 5.28 -12.81 -22.43
N PRO C 50 4.50 -11.74 -22.56
CA PRO C 50 3.22 -11.67 -21.85
C PRO C 50 2.20 -12.63 -22.43
N ALA C 51 1.10 -12.77 -21.71
CA ALA C 51 0.01 -13.60 -22.17
C ALA C 51 -0.59 -13.03 -23.45
N THR C 52 -1.26 -13.91 -24.19
CA THR C 52 -1.89 -13.56 -25.47
C THR C 52 -3.41 -13.61 -25.37
N ASP C 53 -3.96 -13.26 -24.21
CA ASP C 53 -5.39 -13.34 -23.95
C ASP C 53 -6.01 -11.98 -23.66
N GLY C 54 -5.32 -10.91 -24.03
CA GLY C 54 -5.81 -9.58 -23.73
C GLY C 54 -5.28 -8.97 -22.45
N SER C 55 -4.49 -9.70 -21.67
CA SER C 55 -3.95 -9.18 -20.42
C SER C 55 -2.82 -8.19 -20.68
N GLY C 56 -2.60 -7.32 -19.71
CA GLY C 56 -1.49 -6.37 -19.77
C GLY C 56 -0.15 -7.05 -19.47
N THR C 57 0.90 -6.24 -19.58
CA THR C 57 2.28 -6.69 -19.42
C THR C 57 2.80 -6.18 -18.08
N ALA C 58 3.14 -7.10 -17.18
CA ALA C 58 3.59 -6.71 -15.85
C ALA C 58 4.99 -6.12 -15.88
N LEU C 59 5.24 -5.13 -15.01
CA LEU C 59 6.52 -4.44 -14.98
C LEU C 59 6.72 -3.72 -13.64
N GLY C 60 7.97 -3.29 -13.41
CA GLY C 60 8.27 -2.39 -12.31
C GLY C 60 9.61 -1.75 -12.51
N TRP C 61 9.83 -0.61 -11.83
CA TRP C 61 11.13 0.03 -11.87
C TRP C 61 11.36 0.84 -10.59
N THR C 62 12.63 1.23 -10.38
CA THR C 62 13.06 1.99 -9.21
C THR C 62 13.84 3.22 -9.62
N VAL C 63 13.63 4.33 -8.90
CA VAL C 63 14.48 5.52 -8.96
C VAL C 63 14.97 5.79 -7.54
N ALA C 64 16.29 5.86 -7.36
CA ALA C 64 16.86 6.42 -6.14
C ALA C 64 17.08 7.90 -6.39
N TRP C 65 16.58 8.73 -5.48
CA TRP C 65 16.53 10.17 -5.72
C TRP C 65 17.85 10.89 -5.44
N LYS C 66 18.93 10.38 -6.02
CA LYS C 66 20.25 10.99 -5.98
C LYS C 66 20.73 11.21 -7.41
N ASN C 67 21.20 12.41 -7.70
CA ASN C 67 21.89 12.70 -8.96
C ASN C 67 23.03 13.67 -8.65
N ASN C 68 23.57 14.33 -9.69
CA ASN C 68 24.66 15.26 -9.47
C ASN C 68 24.22 16.57 -8.86
N TYR C 69 22.92 16.80 -8.66
CA TYR C 69 22.45 18.09 -8.17
C TYR C 69 21.71 17.99 -6.84
N ARG C 70 21.08 16.87 -6.54
CA ARG C 70 20.28 16.72 -5.33
C ARG C 70 20.43 15.31 -4.79
N ASN C 71 20.21 15.15 -3.50
CA ASN C 71 20.07 13.81 -2.91
C ASN C 71 19.03 13.89 -1.80
N ALA C 72 17.88 13.26 -2.02
CA ALA C 72 16.79 13.26 -1.06
C ALA C 72 16.87 12.13 -0.05
N HIS C 73 17.85 11.22 -0.20
CA HIS C 73 17.97 10.04 0.64
C HIS C 73 16.66 9.25 0.67
N SER C 74 16.20 8.86 -0.52
CA SER C 74 14.93 8.18 -0.68
C SER C 74 14.91 7.49 -2.04
N ALA C 75 13.92 6.60 -2.22
CA ALA C 75 13.80 5.85 -3.46
C ALA C 75 12.34 5.47 -3.68
N THR C 76 11.88 5.53 -4.93
CA THR C 76 10.52 5.15 -5.28
C THR C 76 10.56 3.90 -6.17
N THR C 77 9.66 2.95 -5.91
CA THR C 77 9.41 1.85 -6.82
C THR C 77 8.00 1.96 -7.37
N TRP C 78 7.85 1.75 -8.67
CA TRP C 78 6.55 1.70 -9.33
C TRP C 78 6.31 0.26 -9.76
N SER C 79 5.13 -0.27 -9.45
CA SER C 79 4.73 -1.61 -9.84
C SER C 79 3.43 -1.51 -10.62
N GLY C 80 3.36 -2.10 -11.81
CA GLY C 80 2.15 -1.96 -12.59
C GLY C 80 2.11 -2.82 -13.82
N GLN C 81 1.30 -2.40 -14.78
CA GLN C 81 1.19 -3.12 -16.05
C GLN C 81 0.98 -2.15 -17.20
N TYR C 82 1.58 -2.52 -18.34
CA TYR C 82 1.42 -1.80 -19.59
C TYR C 82 0.20 -2.35 -20.31
N VAL C 83 -0.65 -1.45 -20.79
CA VAL C 83 -1.87 -1.80 -21.51
C VAL C 83 -1.75 -1.18 -22.90
N GLY C 84 -1.66 -2.02 -23.93
CA GLY C 84 -1.60 -1.54 -25.29
C GLY C 84 -2.96 -1.10 -25.80
N GLY C 85 -2.96 -0.58 -27.02
CA GLY C 85 -4.18 -0.17 -27.67
C GLY C 85 -4.05 1.22 -28.25
N ALA C 86 -5.20 1.81 -28.57
CA ALA C 86 -5.25 3.13 -29.20
C ALA C 86 -4.46 4.15 -28.38
N GLU C 87 -4.86 4.35 -27.13
CA GLU C 87 -4.05 5.11 -26.18
C GLU C 87 -3.39 4.12 -25.24
N ALA C 88 -2.13 3.82 -25.51
CA ALA C 88 -1.37 2.97 -24.62
C ALA C 88 -1.25 3.65 -23.25
N ARG C 89 -1.13 2.82 -22.21
CA ARG C 89 -1.16 3.32 -20.85
C ARG C 89 -0.33 2.40 -19.98
N ILE C 90 0.37 2.96 -19.01
CA ILE C 90 0.99 2.16 -17.95
C ILE C 90 0.36 2.61 -16.63
N ASN C 91 -0.33 1.68 -15.97
CA ASN C 91 -1.02 1.94 -14.72
C ASN C 91 -0.18 1.38 -13.59
N THR C 92 0.15 2.21 -12.60
CA THR C 92 1.04 1.78 -11.53
C THR C 92 0.51 2.15 -10.16
N GLN C 93 1.04 1.46 -9.16
CA GLN C 93 1.06 1.90 -7.77
C GLN C 93 2.51 2.01 -7.34
N TRP C 94 2.79 2.91 -6.41
CA TRP C 94 4.18 3.18 -6.04
C TRP C 94 4.37 3.27 -4.53
N LEU C 95 5.61 3.00 -4.11
CA LEU C 95 6.05 3.11 -2.73
C LEU C 95 7.31 3.98 -2.71
N LEU C 96 7.34 4.96 -1.82
CA LEU C 96 8.45 5.89 -1.71
C LEU C 96 9.00 5.82 -0.30
N THR C 97 10.18 5.23 -0.13
CA THR C 97 10.78 5.02 1.18
C THR C 97 11.94 5.98 1.37
N SER C 98 11.94 6.71 2.48
CA SER C 98 13.05 7.55 2.85
C SER C 98 13.92 6.83 3.87
N GLY C 99 15.23 7.07 3.80
CA GLY C 99 16.09 6.63 4.90
C GLY C 99 15.73 7.33 6.20
N THR C 100 15.52 6.57 7.28
CA THR C 100 15.14 7.15 8.56
C THR C 100 15.93 6.48 9.67
N THR C 101 15.89 7.07 10.86
CA THR C 101 16.28 6.35 12.06
C THR C 101 15.23 5.29 12.37
N GLU C 102 15.59 4.35 13.27
CA GLU C 102 14.65 3.32 13.65
C GLU C 102 13.40 3.92 14.29
N ALA C 103 13.58 4.94 15.13
CA ALA C 103 12.45 5.55 15.81
C ALA C 103 11.45 6.17 14.83
N ASN C 104 11.91 6.56 13.65
CA ASN C 104 11.05 7.20 12.65
C ASN C 104 10.68 6.26 11.52
N ALA C 105 11.05 4.98 11.61
CA ALA C 105 10.83 4.07 10.49
C ALA C 105 9.36 3.87 10.20
N TRP C 106 8.50 4.02 11.22
CA TRP C 106 7.07 3.81 11.01
C TRP C 106 6.49 4.78 9.99
N LYS C 107 7.09 5.95 9.83
CA LYS C 107 6.62 6.94 8.87
C LYS C 107 7.56 7.09 7.68
N SER C 108 8.24 6.01 7.30
CA SER C 108 9.26 6.10 6.26
C SER C 108 8.73 5.94 4.84
N THR C 109 7.50 5.45 4.64
CA THR C 109 7.08 4.99 3.33
C THR C 109 5.74 5.62 2.95
N LEU C 110 5.74 6.35 1.84
CA LEU C 110 4.54 6.90 1.23
C LEU C 110 4.04 5.96 0.13
N VAL C 111 2.73 6.00 -0.12
CA VAL C 111 2.11 5.16 -1.15
C VAL C 111 1.20 6.02 -2.02
N GLY C 112 1.17 5.70 -3.31
CA GLY C 112 0.26 6.37 -4.22
C GLY C 112 0.10 5.59 -5.51
N HIS C 113 -0.50 6.25 -6.51
CA HIS C 113 -0.72 5.61 -7.80
C HIS C 113 -0.51 6.63 -8.92
N ASP C 114 0.20 6.20 -9.97
CA ASP C 114 0.48 7.04 -11.13
C ASP C 114 0.02 6.32 -12.38
N THR C 115 -0.58 7.07 -13.32
CA THR C 115 -0.92 6.55 -14.62
CA THR C 115 -0.93 6.56 -14.63
C THR C 115 -0.13 7.32 -15.68
N PHE C 116 0.46 6.58 -16.62
CA PHE C 116 1.35 7.14 -17.63
C PHE C 116 0.74 6.98 -19.01
N THR C 117 0.81 8.03 -19.82
CA THR C 117 0.45 7.98 -21.23
C THR C 117 1.58 8.62 -22.04
N LYS C 118 1.51 8.49 -23.35
CA LYS C 118 2.53 9.07 -24.22
C LYS C 118 2.25 10.53 -24.56
N VAL C 119 1.21 11.14 -23.97
CA VAL C 119 0.94 12.56 -24.16
C VAL C 119 1.02 13.26 -22.80
N LYS C 120 1.43 14.52 -22.83
CA LYS C 120 1.47 15.31 -21.61
C LYS C 120 0.04 15.58 -21.12
N PRO C 121 -0.14 15.73 -19.79
CA PRO C 121 -1.44 16.03 -19.21
C PRO C 121 -1.94 17.42 -19.60
N ALA D 1 -20.28 19.60 6.64
CA ALA D 1 -19.26 18.58 6.42
C ALA D 1 -19.25 18.09 4.98
N GLY D 2 -20.42 18.08 4.33
CA GLY D 2 -20.54 17.70 2.94
C GLY D 2 -20.42 16.23 2.63
N ILE D 3 -20.15 15.40 3.64
CA ILE D 3 -19.88 13.98 3.43
C ILE D 3 -21.17 13.16 3.37
N THR D 4 -22.16 13.49 4.21
CA THR D 4 -23.38 12.71 4.25
C THR D 4 -24.06 12.67 2.88
N GLY D 5 -24.43 11.47 2.45
CA GLY D 5 -25.14 11.29 1.20
C GLY D 5 -24.62 10.09 0.44
N THR D 6 -24.97 10.05 -0.84
CA THR D 6 -24.64 8.94 -1.72
C THR D 6 -23.43 9.29 -2.58
N TRP D 7 -22.49 8.34 -2.69
CA TRP D 7 -21.29 8.50 -3.49
C TRP D 7 -21.13 7.31 -4.43
N TYR D 8 -20.49 7.55 -5.57
CA TYR D 8 -20.31 6.53 -6.60
C TYR D 8 -18.84 6.47 -6.98
N ASN D 9 -18.27 5.26 -7.03
CA ASN D 9 -16.89 5.12 -7.47
C ASN D 9 -16.81 5.02 -8.99
N GLN D 10 -15.61 4.80 -9.49
CA GLN D 10 -15.34 4.78 -10.91
C GLN D 10 -15.80 3.49 -11.60
N LEU D 11 -16.18 2.46 -10.82
CA LEU D 11 -16.43 1.12 -11.36
C LEU D 11 -17.84 0.60 -11.06
N GLY D 12 -18.77 1.47 -10.70
CA GLY D 12 -20.13 1.03 -10.49
C GLY D 12 -20.48 0.54 -9.09
N SER D 13 -19.77 1.02 -8.07
CA SER D 13 -20.14 0.76 -6.70
C SER D 13 -20.71 2.03 -6.08
N THR D 14 -21.58 1.86 -5.09
CA THR D 14 -22.29 2.97 -4.48
C THR D 14 -22.14 2.88 -2.97
N PHE D 15 -22.01 4.01 -2.30
N PHE D 15 -21.86 4.05 -2.36
CA PHE D 15 -22.26 3.94 -0.87
CA PHE D 15 -21.36 4.19 -0.98
C PHE D 15 -23.10 5.11 -0.41
C PHE D 15 -22.25 5.23 -0.30
N ILE D 16 -23.89 4.86 0.61
N ILE D 16 -23.11 4.75 0.60
CA ILE D 16 -24.69 5.88 1.28
CA ILE D 16 -24.15 5.57 1.22
C ILE D 16 -24.20 5.94 2.72
C ILE D 16 -23.74 5.81 2.67
N VAL D 17 -23.63 7.07 3.09
CA VAL D 17 -23.03 7.33 4.38
C VAL D 17 -23.71 8.49 5.10
N THR D 18 -23.73 8.40 6.43
CA THR D 18 -24.08 9.51 7.29
C THR D 18 -22.85 9.86 8.12
N ALA D 19 -22.48 11.13 8.10
CA ALA D 19 -21.36 11.64 8.90
C ALA D 19 -21.94 12.29 10.14
N GLY D 20 -21.75 11.64 11.30
CA GLY D 20 -22.28 12.16 12.54
C GLY D 20 -21.45 13.29 13.10
N ALA D 21 -22.08 14.03 14.04
CA ALA D 21 -21.50 15.28 14.52
C ALA D 21 -20.16 15.09 15.22
N ASP D 22 -19.94 13.93 15.83
CA ASP D 22 -18.71 13.68 16.58
C ASP D 22 -17.77 12.70 15.87
N GLY D 23 -17.87 12.61 14.55
CA GLY D 23 -16.86 11.93 13.77
C GLY D 23 -17.22 10.55 13.26
N ALA D 24 -18.45 10.08 13.49
CA ALA D 24 -18.82 8.74 13.05
C ALA D 24 -19.19 8.72 11.57
N LEU D 25 -18.79 7.65 10.89
CA LEU D 25 -19.34 7.31 9.59
C LEU D 25 -20.11 6.01 9.72
N THR D 26 -21.37 6.00 9.26
CA THR D 26 -22.19 4.79 9.25
C THR D 26 -22.95 4.74 7.94
N GLY D 27 -23.19 3.53 7.44
CA GLY D 27 -23.99 3.45 6.22
C GLY D 27 -23.92 2.08 5.60
N THR D 28 -24.07 2.06 4.26
CA THR D 28 -24.18 0.83 3.50
C THR D 28 -23.33 0.98 2.24
N TYR D 29 -22.67 -0.10 1.86
CA TYR D 29 -21.90 -0.16 0.61
C TYR D 29 -22.54 -1.21 -0.29
N GLU D 30 -22.74 -0.87 -1.57
CA GLU D 30 -23.49 -1.77 -2.45
C GLU D 30 -22.97 -1.65 -3.88
N SER D 31 -23.58 -2.44 -4.76
CA SER D 31 -23.28 -2.37 -6.18
C SER D 31 -24.22 -1.39 -6.87
N ALA D 32 -23.93 -1.09 -8.15
CA ALA D 32 -24.77 -0.18 -8.91
C ALA D 32 -26.20 -0.68 -8.99
N VAL D 33 -26.38 -1.98 -9.18
CA VAL D 33 -27.71 -2.57 -9.27
C VAL D 33 -28.47 -2.38 -7.96
N GLY D 34 -27.80 -2.60 -6.83
CA GLY D 34 -28.39 -2.35 -5.54
C GLY D 34 -29.25 -3.47 -4.98
N ASN D 35 -29.14 -4.68 -5.51
CA ASN D 35 -29.89 -5.79 -4.95
C ASN D 35 -29.39 -6.08 -3.53
N ALA D 36 -30.27 -6.67 -2.72
CA ALA D 36 -29.97 -6.92 -1.32
C ALA D 36 -28.71 -7.75 -1.13
N GLU D 37 -28.46 -8.70 -2.04
CA GLU D 37 -27.30 -9.56 -1.92
C GLU D 37 -25.99 -8.82 -2.11
N SER D 38 -26.02 -7.60 -2.63
CA SER D 38 -24.82 -6.81 -2.85
C SER D 38 -24.60 -5.74 -1.79
N ARG D 39 -25.44 -5.66 -0.77
CA ARG D 39 -25.38 -4.59 0.22
C ARG D 39 -24.71 -5.06 1.50
N TYR D 40 -23.80 -4.23 2.04
CA TYR D 40 -23.02 -4.57 3.23
C TYR D 40 -22.93 -3.36 4.15
N VAL D 41 -22.79 -3.62 5.45
CA VAL D 41 -22.65 -2.57 6.45
C VAL D 41 -21.27 -1.92 6.31
N LEU D 42 -21.22 -0.61 6.50
CA LEU D 42 -19.94 0.09 6.58
C LEU D 42 -19.90 0.95 7.83
N THR D 43 -18.71 1.05 8.42
CA THR D 43 -18.50 1.90 9.59
C THR D 43 -17.11 2.50 9.49
N GLY D 44 -16.98 3.76 9.90
CA GLY D 44 -15.69 4.39 9.92
C GLY D 44 -15.68 5.68 10.73
N ARG D 45 -14.67 6.51 10.47
CA ARG D 45 -14.47 7.74 11.22
C ARG D 45 -13.95 8.82 10.28
N TYR D 46 -14.23 10.08 10.61
CA TYR D 46 -13.73 11.21 9.84
C TYR D 46 -13.36 12.33 10.82
N ASP D 47 -12.50 13.25 10.36
CA ASP D 47 -12.14 14.43 11.13
C ASP D 47 -13.29 15.44 11.11
N SER D 48 -13.97 15.61 12.24
CA SER D 48 -15.13 16.48 12.30
C SER D 48 -14.79 17.95 12.51
N ALA D 49 -13.50 18.30 12.56
CA ALA D 49 -13.07 19.70 12.67
C ALA D 49 -11.84 19.90 11.79
N PRO D 50 -11.99 19.80 10.47
CA PRO D 50 -10.82 19.88 9.60
C PRO D 50 -10.19 21.26 9.60
N ALA D 51 -9.00 21.32 9.02
CA ALA D 51 -8.30 22.59 8.84
C ALA D 51 -9.09 23.51 7.91
N THR D 52 -8.81 24.81 8.03
CA THR D 52 -9.48 25.84 7.24
C THR D 52 -8.53 26.52 6.25
N ASP D 53 -7.48 25.82 5.85
CA ASP D 53 -6.46 26.35 4.95
C ASP D 53 -6.58 25.82 3.53
N GLY D 54 -7.70 25.18 3.19
CA GLY D 54 -7.86 24.58 1.89
C GLY D 54 -7.58 23.10 1.85
N SER D 55 -7.18 22.50 2.97
CA SER D 55 -6.89 21.07 3.00
C SER D 55 -8.18 20.26 2.99
N GLY D 56 -8.07 19.03 2.51
CA GLY D 56 -9.16 18.09 2.56
C GLY D 56 -9.42 17.59 3.98
N THR D 57 -10.46 16.77 4.10
CA THR D 57 -10.93 16.23 5.38
C THR D 57 -10.58 14.75 5.42
N ALA D 58 -9.72 14.35 6.35
CA ALA D 58 -9.30 12.95 6.44
C ALA D 58 -10.42 12.06 6.94
N LEU D 59 -10.45 10.82 6.40
CA LEU D 59 -11.49 9.87 6.78
C LEU D 59 -11.04 8.46 6.43
N GLY D 60 -11.79 7.48 6.93
CA GLY D 60 -11.61 6.10 6.56
C GLY D 60 -12.81 5.28 6.96
N TRP D 61 -13.00 4.14 6.30
CA TRP D 61 -14.09 3.24 6.69
C TRP D 61 -13.75 1.81 6.30
N THR D 62 -14.51 0.87 6.87
CA THR D 62 -14.33 -0.56 6.65
C THR D 62 -15.63 -1.20 6.21
N VAL D 63 -15.53 -2.15 5.29
CA VAL D 63 -16.62 -3.08 4.97
C VAL D 63 -16.07 -4.50 5.13
N ALA D 64 -16.70 -5.29 5.99
CA ALA D 64 -16.48 -6.74 5.99
C ALA D 64 -17.49 -7.36 5.04
N TRP D 65 -17.01 -8.21 4.14
CA TRP D 65 -17.84 -8.69 3.02
C TRP D 65 -18.69 -9.89 3.40
N LYS D 66 -19.40 -9.76 4.52
CA LYS D 66 -20.41 -10.70 4.96
C LYS D 66 -21.74 -9.96 5.07
N ASN D 67 -22.78 -10.52 4.47
CA ASN D 67 -24.14 -10.06 4.74
C ASN D 67 -25.03 -11.27 5.00
N ASN D 68 -26.35 -11.08 5.01
CA ASN D 68 -27.21 -12.22 5.29
C ASN D 68 -27.27 -13.23 4.16
N TYR D 69 -26.61 -12.95 3.03
CA TYR D 69 -26.75 -13.76 1.83
C TYR D 69 -25.47 -14.42 1.36
N ARG D 70 -24.31 -13.87 1.70
CA ARG D 70 -23.04 -14.42 1.24
C ARG D 70 -21.93 -13.95 2.18
N ASN D 71 -20.78 -14.59 2.08
CA ASN D 71 -19.64 -14.25 2.94
C ASN D 71 -18.37 -14.57 2.18
N ALA D 72 -17.61 -13.53 1.81
CA ALA D 72 -16.34 -13.69 1.11
C ALA D 72 -15.15 -13.89 2.05
N HIS D 73 -15.37 -13.84 3.36
CA HIS D 73 -14.30 -13.98 4.35
C HIS D 73 -13.16 -13.00 4.06
N SER D 74 -13.52 -11.73 4.02
CA SER D 74 -12.57 -10.67 3.67
C SER D 74 -13.15 -9.34 4.11
N ALA D 75 -12.28 -8.33 4.13
CA ALA D 75 -12.67 -6.99 4.53
C ALA D 75 -11.82 -5.96 3.79
N THR D 76 -12.44 -4.86 3.39
CA THR D 76 -11.73 -3.75 2.75
C THR D 76 -11.76 -2.53 3.66
N THR D 77 -10.63 -1.85 3.78
CA THR D 77 -10.57 -0.51 4.38
C THR D 77 -10.20 0.51 3.32
N TRP D 78 -10.89 1.64 3.32
CA TRP D 78 -10.58 2.78 2.45
C TRP D 78 -10.05 3.89 3.34
N SER D 79 -8.92 4.49 2.95
CA SER D 79 -8.31 5.60 3.66
C SER D 79 -8.15 6.75 2.68
N GLY D 80 -8.60 7.95 3.04
CA GLY D 80 -8.54 9.01 2.07
C GLY D 80 -8.91 10.36 2.63
N GLN D 81 -9.28 11.27 1.72
CA GLN D 81 -9.75 12.58 2.13
C GLN D 81 -10.91 13.03 1.25
N TYR D 82 -11.84 13.73 1.89
CA TYR D 82 -12.95 14.39 1.21
C TYR D 82 -12.53 15.80 0.80
N VAL D 83 -12.84 16.17 -0.43
CA VAL D 83 -12.59 17.51 -0.95
C VAL D 83 -13.92 18.06 -1.46
N GLY D 84 -14.35 19.18 -0.89
CA GLY D 84 -15.66 19.72 -1.20
C GLY D 84 -15.67 20.55 -2.48
N GLY D 85 -16.79 21.21 -2.69
CA GLY D 85 -16.97 22.11 -3.82
C GLY D 85 -17.99 21.59 -4.81
N ALA D 86 -18.10 22.32 -5.92
CA ALA D 86 -19.06 21.94 -6.95
C ALA D 86 -18.73 20.60 -7.57
N GLU D 87 -17.45 20.21 -7.54
CA GLU D 87 -17.07 18.88 -8.01
C GLU D 87 -16.44 18.10 -6.87
N ALA D 88 -17.25 17.85 -5.83
CA ALA D 88 -16.77 17.21 -4.62
C ALA D 88 -16.26 15.80 -4.92
N ARG D 89 -15.26 15.38 -4.16
CA ARG D 89 -14.66 14.06 -4.35
C ARG D 89 -14.28 13.48 -3.00
N ILE D 90 -14.30 12.15 -2.93
CA ILE D 90 -13.58 11.44 -1.88
C ILE D 90 -12.52 10.60 -2.58
N ASN D 91 -11.25 10.94 -2.34
CA ASN D 91 -10.12 10.28 -3.00
C ASN D 91 -9.51 9.31 -2.01
N THR D 92 -9.48 8.02 -2.37
CA THR D 92 -9.07 6.99 -1.42
C THR D 92 -8.05 6.03 -2.01
N GLN D 93 -7.36 5.37 -1.10
CA GLN D 93 -6.64 4.14 -1.36
C GLN D 93 -7.18 3.06 -0.45
N TRP D 94 -7.15 1.81 -0.89
CA TRP D 94 -7.81 0.75 -0.14
C TRP D 94 -6.92 -0.49 0.00
N LEU D 95 -7.24 -1.27 1.05
CA LEU D 95 -6.59 -2.54 1.34
C LEU D 95 -7.69 -3.57 1.56
N LEU D 96 -7.62 -4.67 0.82
CA LEU D 96 -8.60 -5.75 0.92
C LEU D 96 -7.88 -7.00 1.42
N THR D 97 -8.11 -7.36 2.68
CA THR D 97 -7.47 -8.52 3.29
C THR D 97 -8.45 -9.68 3.37
N SER D 98 -8.03 -10.85 2.88
CA SER D 98 -8.81 -12.08 3.02
C SER D 98 -8.29 -12.89 4.21
N GLY D 99 -9.20 -13.59 4.88
CA GLY D 99 -8.77 -14.59 5.85
C GLY D 99 -8.09 -15.75 5.13
N THR D 100 -6.89 -16.10 5.59
CA THR D 100 -6.09 -17.14 4.96
C THR D 100 -5.46 -18.02 6.03
N THR D 101 -4.92 -19.17 5.61
CA THR D 101 -3.99 -19.89 6.45
C THR D 101 -2.67 -19.13 6.51
N GLU D 102 -1.81 -19.50 7.46
CA GLU D 102 -0.52 -18.82 7.57
C GLU D 102 0.32 -19.05 6.32
N ALA D 103 0.23 -20.24 5.72
CA ALA D 103 1.01 -20.53 4.53
C ALA D 103 0.62 -19.64 3.36
N ASN D 104 -0.62 -19.15 3.34
CA ASN D 104 -1.10 -18.29 2.27
C ASN D 104 -1.18 -16.83 2.66
N ALA D 105 -0.68 -16.48 3.85
CA ALA D 105 -0.87 -15.10 4.33
C ALA D 105 -0.10 -14.09 3.49
N TRP D 106 0.99 -14.53 2.84
CA TRP D 106 1.77 -13.61 2.02
C TRP D 106 0.94 -13.01 0.89
N LYS D 107 -0.09 -13.72 0.42
CA LYS D 107 -0.95 -13.25 -0.67
C LYS D 107 -2.36 -12.88 -0.19
N SER D 108 -2.48 -12.44 1.06
CA SER D 108 -3.78 -12.15 1.66
C SER D 108 -4.34 -10.77 1.33
N THR D 109 -3.51 -9.81 0.89
CA THR D 109 -3.91 -8.40 0.86
C THR D 109 -3.74 -7.79 -0.52
N LEU D 110 -4.85 -7.31 -1.09
CA LEU D 110 -4.83 -6.54 -2.32
C LEU D 110 -4.85 -5.05 -2.00
N VAL D 111 -4.27 -4.25 -2.90
CA VAL D 111 -4.23 -2.80 -2.74
C VAL D 111 -4.73 -2.13 -4.02
N GLY D 112 -5.40 -1.00 -3.85
CA GLY D 112 -5.89 -0.24 -4.99
C GLY D 112 -6.33 1.15 -4.58
N HIS D 113 -7.07 1.82 -5.47
CA HIS D 113 -7.54 3.17 -5.22
C HIS D 113 -8.92 3.37 -5.83
N ASP D 114 -9.76 4.15 -5.13
CA ASP D 114 -11.09 4.50 -5.60
C ASP D 114 -11.28 6.00 -5.51
N THR D 115 -11.89 6.60 -6.53
CA THR D 115 -12.32 7.98 -6.49
C THR D 115 -13.85 8.02 -6.50
N PHE D 116 -14.44 8.65 -5.51
CA PHE D 116 -15.88 8.74 -5.38
C PHE D 116 -16.36 10.13 -5.74
N THR D 117 -17.48 10.20 -6.45
CA THR D 117 -18.13 11.45 -6.85
C THR D 117 -19.60 11.41 -6.45
N LYS D 118 -20.24 12.58 -6.48
CA LYS D 118 -21.65 12.69 -6.15
C LYS D 118 -22.58 12.27 -7.27
N VAL D 119 -22.06 12.12 -8.49
CA VAL D 119 -22.85 11.74 -9.66
C VAL D 119 -22.26 10.44 -10.22
N LYS D 120 -23.13 9.59 -10.78
CA LYS D 120 -22.70 8.30 -11.33
C LYS D 120 -21.70 8.46 -12.48
C8 MT6 E . -0.33 9.14 13.30
C7 MT6 E . -0.70 8.29 14.33
C5 MT6 E . -0.39 5.85 15.13
C6 MT6 E . -0.45 6.86 14.23
N1 MT6 E . 0.03 2.41 13.66
C2 MT6 E . -0.06 2.80 12.35
C4 MT6 E . -0.23 4.64 14.39
O3 MT6 E . -0.86 12.33 11.88
C14 MT6 E . -0.18 11.42 12.28
O4 MT6 E . 1.06 11.18 11.86
C15 MT6 E . 1.74 12.32 11.27
C9 MT6 E . -0.56 10.51 13.38
C10 MT6 E . -1.23 11.02 14.48
C13 MT6 E . -1.58 10.19 15.53
C11 MT6 E . -1.31 8.84 15.46
O2 MT6 E . -0.48 6.36 12.93
C12 MT6 E . -0.31 5.01 13.04
C1 MT6 E . -0.21 4.10 12.02
C3 MT6 E . -0.05 3.27 14.74
O1 MT6 E . 0.04 2.81 15.91
C1 GOL F . 7.64 -10.91 -1.90
O1 GOL F . 8.32 -11.83 -1.09
C2 GOL F . 6.36 -11.61 -2.38
O2 GOL F . 6.55 -12.96 -2.64
C3 GOL F . 6.01 -10.85 -3.63
O3 GOL F . 6.62 -11.54 -4.68
C1 GOL G . 5.38 -14.99 -8.25
O1 GOL G . 4.43 -14.49 -7.36
C2 GOL G . 6.13 -16.09 -7.48
O2 GOL G . 7.00 -16.78 -8.30
C3 GOL G . 6.86 -15.34 -6.34
O3 GOL G . 6.00 -14.33 -5.87
C8 MT6 H . 9.93 11.98 -4.15
C7 MT6 H . 9.96 12.15 -5.53
C5 MT6 H . 8.52 11.74 -7.65
C6 MT6 H . 8.89 11.59 -6.36
N1 MT6 H . 5.62 9.59 -8.75
C2 MT6 H . 5.48 8.93 -7.58
C4 MT6 H . 7.43 10.85 -7.88
O3 MT6 H . 9.86 12.02 -1.26
C14 MT6 H . 10.86 12.29 -1.87
O4 MT6 H . 12.04 12.49 -1.28
C15 MT6 H . 12.06 12.30 0.16
C9 MT6 H . 10.92 12.51 -3.34
C10 MT6 H . 11.98 13.19 -3.92
C13 MT6 H . 12.01 13.38 -5.29
C11 MT6 H . 11.00 12.88 -6.10
O2 MT6 H . 8.15 10.59 -5.75
C12 MT6 H . 7.24 10.16 -6.69
C1 MT6 H . 6.27 9.19 -6.52
C3 MT6 H . 6.58 10.57 -9.00
O1 MT6 H . 6.63 11.11 -10.12
C1 GOL I . -11.86 -3.49 -2.70
O1 GOL I . -13.01 -4.00 -2.07
C2 GOL I . -12.31 -2.82 -3.99
O2 GOL I . -13.33 -3.53 -4.63
C3 GOL I . -12.74 -1.43 -3.52
O3 GOL I . -13.49 -0.86 -4.57
#